data_6L4R
#
_entry.id   6L4R
#
_cell.length_a   59.835
_cell.length_b   59.835
_cell.length_c   358.923
_cell.angle_alpha   90.000
_cell.angle_beta   90.000
_cell.angle_gamma   90.000
#
_symmetry.space_group_name_H-M   'P 41 21 2'
#
loop_
_entity.id
_entity.type
_entity.pdbx_description
1 polymer RdRp
2 water water
#
_entity_poly.entity_id   1
_entity_poly.type   'polypeptide(L)'
_entity_poly.pdbx_seq_one_letter_code
;GEIVSNEKSGVCINAPAKTKLQPSVFHQVFEGSKEPAVLNSKDPRLKTDFEEAIFSKYTGNKIMLMDEYMEEAVDHYVGC
LEPLDISIDPIPLESAMYGMDGLEALDLTTSAGFPYLLQGKKKRDIFNRQTRDTTEMTRMLEKYGVDLPFVTFVKDELRS
REKVEKGKSRLIEASSLNDSVAMRVAFGNLYATFHNNPGTATGSAVGCDPDVFWSKIPILLNGEIFAFDYTGYDASLSPV
WFACLKKVLIKLGYTHQTSFIDYLCHSVHLYKDRKYIVNGGMPSGSSGTSIFNTMINNIIIRTLLIRVYKGIDLDQFKMI
AYGDDVIASYPHKIDPGLLAEAGKHYGLIMTPADKGTSFVDTNWENVTFLKRYFRADDQYPFLIHPVMPMKEIHESIRWT
KDPRNTQDHVRSLCYLAWHNGEEAYNEFCRKIRSVPVGRALTLPAYSSLRRKWLDSF
;
_entity_poly.pdbx_strand_id   A
#
# COMPACT_ATOMS: atom_id res chain seq x y z
N GLY A 1 9.59 -8.49 11.98
CA GLY A 1 8.50 -9.37 12.36
C GLY A 1 8.99 -10.79 12.51
N GLU A 2 8.39 -11.52 13.44
CA GLU A 2 8.82 -12.89 13.73
C GLU A 2 7.62 -13.73 14.14
N ILE A 3 7.50 -14.91 13.52
CA ILE A 3 6.52 -15.90 13.97
C ILE A 3 7.04 -16.49 15.26
N VAL A 4 6.34 -16.26 16.37
CA VAL A 4 6.81 -16.73 17.68
C VAL A 4 6.15 -18.02 18.13
N SER A 5 5.09 -18.47 17.46
CA SER A 5 4.50 -19.76 17.81
C SER A 5 3.65 -20.24 16.64
N ASN A 6 3.44 -21.56 16.61
CA ASN A 6 2.68 -22.23 15.57
C ASN A 6 2.11 -23.51 16.16
N GLU A 7 0.80 -23.72 15.98
CA GLU A 7 0.12 -24.90 16.51
C GLU A 7 -1.17 -25.11 15.74
N LYS A 8 -1.78 -26.29 15.93
CA LYS A 8 -3.12 -26.50 15.39
C LYS A 8 -4.09 -25.56 16.06
N SER A 9 -4.97 -24.97 15.25
CA SER A 9 -5.82 -23.86 15.67
C SER A 9 -7.17 -24.29 16.20
N GLY A 10 -7.75 -25.34 15.63
CA GLY A 10 -9.12 -25.70 15.91
C GLY A 10 -10.07 -25.45 14.78
N VAL A 11 -9.66 -24.68 13.76
CA VAL A 11 -10.49 -24.41 12.59
C VAL A 11 -9.70 -24.80 11.36
N CYS A 12 -10.37 -24.75 10.21
CA CYS A 12 -9.85 -25.25 8.94
C CYS A 12 -10.11 -24.16 7.91
N ILE A 13 -9.07 -23.43 7.51
CA ILE A 13 -9.23 -22.43 6.45
C ILE A 13 -9.18 -23.17 5.12
N ASN A 14 -10.25 -23.08 4.34
CA ASN A 14 -10.34 -23.82 3.09
C ASN A 14 -9.17 -23.51 2.17
N ALA A 15 -8.77 -24.51 1.40
CA ALA A 15 -7.73 -24.30 0.40
C ALA A 15 -8.21 -23.31 -0.66
N PRO A 16 -7.29 -22.54 -1.26
CA PRO A 16 -7.71 -21.54 -2.23
C PRO A 16 -8.24 -22.19 -3.49
N ALA A 17 -9.15 -21.48 -4.16
CA ALA A 17 -9.45 -21.80 -5.54
C ALA A 17 -8.20 -21.63 -6.40
N LYS A 18 -8.21 -22.25 -7.58
CA LYS A 18 -7.15 -21.99 -8.54
C LYS A 18 -7.30 -20.56 -9.06
N THR A 19 -6.22 -20.04 -9.64
CA THR A 19 -6.19 -18.64 -10.01
C THR A 19 -7.34 -18.29 -10.94
N LYS A 20 -7.85 -17.08 -10.79
CA LYS A 20 -8.80 -16.55 -11.75
C LYS A 20 -8.13 -15.93 -12.98
N LEU A 21 -6.80 -15.93 -13.06
CA LEU A 21 -6.07 -15.26 -14.13
C LEU A 21 -5.81 -16.21 -15.30
N GLN A 22 -6.11 -15.77 -16.51
CA GLN A 22 -5.93 -16.54 -17.73
C GLN A 22 -5.41 -15.62 -18.81
N PRO A 23 -4.70 -16.15 -19.80
CA PRO A 23 -4.29 -15.32 -20.95
C PRO A 23 -5.51 -14.61 -21.54
N SER A 24 -5.37 -13.30 -21.75
CA SER A 24 -6.41 -12.51 -22.39
C SER A 24 -6.22 -12.59 -23.91
N VAL A 25 -7.13 -11.96 -24.66
CA VAL A 25 -6.96 -11.91 -26.11
C VAL A 25 -5.66 -11.21 -26.49
N PHE A 26 -5.03 -10.46 -25.57
CA PHE A 26 -3.82 -9.72 -25.89
C PHE A 26 -2.53 -10.43 -25.47
N HIS A 27 -2.62 -11.69 -25.01
CA HIS A 27 -1.45 -12.38 -24.46
C HIS A 27 -0.31 -12.45 -25.46
N GLN A 28 -0.61 -12.67 -26.73
CA GLN A 28 0.45 -12.78 -27.72
C GLN A 28 0.77 -11.45 -28.39
N VAL A 29 -0.15 -10.48 -28.33
CA VAL A 29 0.06 -9.18 -28.96
C VAL A 29 1.25 -8.47 -28.33
N PHE A 30 1.31 -8.46 -27.00
CA PHE A 30 2.24 -7.64 -26.23
C PHE A 30 3.31 -8.49 -25.58
N GLU A 31 4.48 -7.89 -25.35
CA GLU A 31 5.57 -8.57 -24.67
C GLU A 31 5.32 -8.59 -23.16
N GLY A 32 5.77 -9.67 -22.52
CA GLY A 32 5.66 -9.78 -21.07
C GLY A 32 6.01 -11.16 -20.57
N SER A 33 6.40 -11.24 -19.29
CA SER A 33 6.82 -12.52 -18.73
C SER A 33 6.24 -12.80 -17.35
N LYS A 34 5.34 -11.97 -16.84
CA LYS A 34 4.71 -12.26 -15.56
C LYS A 34 3.65 -13.34 -15.72
N GLU A 35 3.39 -14.03 -14.62
CA GLU A 35 2.44 -15.12 -14.58
C GLU A 35 1.72 -15.08 -13.26
N PRO A 36 0.56 -15.74 -13.13
CA PRO A 36 -0.15 -15.72 -11.86
C PRO A 36 0.70 -16.34 -10.75
N ALA A 37 0.60 -15.76 -9.55
CA ALA A 37 1.36 -16.25 -8.40
C ALA A 37 1.05 -17.71 -8.13
N VAL A 38 2.06 -18.44 -7.64
CA VAL A 38 1.83 -19.76 -7.05
C VAL A 38 0.87 -19.62 -5.88
N LEU A 39 -0.19 -20.45 -5.86
CA LEU A 39 -1.17 -20.40 -4.80
C LEU A 39 -1.19 -21.64 -3.93
N ASN A 40 -0.49 -22.70 -4.30
CA ASN A 40 -0.43 -23.91 -3.51
C ASN A 40 0.90 -24.61 -3.79
N SER A 41 1.29 -25.49 -2.86
CA SER A 41 2.60 -26.13 -2.87
C SER A 41 2.75 -27.14 -4.00
N LYS A 42 1.66 -27.58 -4.62
CA LYS A 42 1.74 -28.55 -5.70
C LYS A 42 1.88 -27.89 -7.06
N ASP A 43 2.13 -26.58 -7.12
CA ASP A 43 2.28 -25.89 -8.40
C ASP A 43 3.54 -26.37 -9.10
N PRO A 44 3.45 -26.86 -10.34
CA PRO A 44 4.63 -27.42 -11.00
C PRO A 44 5.70 -26.39 -11.31
N ARG A 45 5.37 -25.10 -11.34
CA ARG A 45 6.39 -24.11 -11.63
C ARG A 45 7.35 -23.91 -10.45
N LEU A 46 6.97 -24.36 -9.25
CA LEU A 46 7.82 -24.11 -8.09
C LEU A 46 9.18 -24.78 -8.26
N LYS A 47 10.24 -24.05 -7.92
CA LYS A 47 11.59 -24.59 -7.79
C LYS A 47 12.07 -24.59 -6.34
N THR A 48 11.18 -24.41 -5.38
CA THR A 48 11.55 -24.41 -3.97
C THR A 48 10.29 -24.62 -3.15
N ASP A 49 10.49 -24.89 -1.86
CA ASP A 49 9.38 -25.18 -0.99
C ASP A 49 8.48 -23.97 -0.79
N PHE A 50 7.17 -24.15 -1.02
CA PHE A 50 6.24 -23.03 -1.04
C PHE A 50 6.09 -22.37 0.32
N GLU A 51 5.74 -23.17 1.35
CA GLU A 51 5.45 -22.59 2.66
C GLU A 51 6.64 -21.81 3.20
N GLU A 52 7.84 -22.36 3.06
CA GLU A 52 9.03 -21.64 3.49
C GLU A 52 9.18 -20.31 2.76
N ALA A 53 8.94 -20.32 1.44
CA ALA A 53 9.01 -19.09 0.66
C ALA A 53 8.03 -18.03 1.17
N ILE A 54 6.75 -18.37 1.32
CA ILE A 54 5.78 -17.31 1.60
C ILE A 54 5.96 -16.72 2.99
N PHE A 55 6.51 -17.49 3.94
CA PHE A 55 6.72 -16.95 5.27
C PHE A 55 8.12 -16.43 5.47
N SER A 56 8.98 -16.52 4.44
CA SER A 56 10.34 -16.03 4.55
C SER A 56 10.40 -14.51 4.76
N LYS A 57 9.33 -13.78 4.45
CA LYS A 57 9.35 -12.32 4.62
C LYS A 57 9.57 -11.91 6.07
N TYR A 58 9.26 -12.78 7.03
CA TYR A 58 9.54 -12.50 8.44
C TYR A 58 11.02 -12.77 8.69
N THR A 59 11.80 -11.70 8.84
CA THR A 59 13.24 -11.80 9.01
C THR A 59 13.69 -11.60 10.46
N GLY A 60 12.76 -11.60 11.43
CA GLY A 60 13.10 -11.35 12.81
C GLY A 60 12.88 -9.90 13.21
N ASN A 61 13.16 -9.61 14.49
CA ASN A 61 12.93 -8.29 15.06
C ASN A 61 14.23 -7.74 15.64
N LYS A 62 14.38 -6.43 15.58
CA LYS A 62 15.43 -5.74 16.34
C LYS A 62 14.79 -5.30 17.64
N ILE A 63 14.98 -6.09 18.69
CA ILE A 63 14.37 -5.77 19.98
C ILE A 63 15.17 -4.65 20.64
N MET A 64 14.48 -3.59 21.07
CA MET A 64 15.16 -2.44 21.64
C MET A 64 14.15 -1.48 22.23
N LEU A 65 14.60 -0.75 23.25
CA LEU A 65 13.87 0.43 23.70
C LEU A 65 13.91 1.51 22.62
N MET A 66 12.89 2.37 22.57
CA MET A 66 12.95 3.52 21.66
C MET A 66 14.19 4.34 21.96
N ASP A 67 14.89 4.77 20.92
CA ASP A 67 16.15 5.49 21.15
C ASP A 67 15.95 7.00 20.95
N GLU A 68 17.04 7.76 21.17
CA GLU A 68 16.90 9.21 21.17
C GLU A 68 16.52 9.74 19.79
N TYR A 69 16.97 9.11 18.72
CA TYR A 69 16.63 9.62 17.41
C TYR A 69 15.15 9.39 17.11
N MET A 70 14.63 8.24 17.53
CA MET A 70 13.18 7.98 17.39
C MET A 70 12.35 8.99 18.17
N GLU A 71 12.78 9.37 19.38
CA GLU A 71 11.99 10.32 20.15
C GLU A 71 11.90 11.66 19.44
N GLU A 72 13.02 12.12 18.87
CA GLU A 72 13.00 13.38 18.14
C GLU A 72 12.19 13.26 16.85
N ALA A 73 12.36 12.15 16.12
CA ALA A 73 11.59 11.93 14.90
C ALA A 73 10.08 11.98 15.18
N VAL A 74 9.64 11.31 16.26
CA VAL A 74 8.24 11.31 16.62
C VAL A 74 7.76 12.73 16.90
N ASP A 75 8.53 13.49 17.68
CA ASP A 75 8.15 14.86 18.02
C ASP A 75 8.03 15.72 16.76
N HIS A 76 8.98 15.59 15.83
CA HIS A 76 8.88 16.41 14.62
C HIS A 76 7.67 16.02 13.79
N TYR A 77 7.42 14.71 13.64
CA TYR A 77 6.28 14.28 12.85
C TYR A 77 4.97 14.75 13.49
N VAL A 78 4.85 14.63 14.81
CA VAL A 78 3.65 15.16 15.45
C VAL A 78 3.49 16.65 15.15
N GLY A 79 4.59 17.41 15.19
CA GLY A 79 4.52 18.82 14.85
C GLY A 79 3.98 19.05 13.45
N CYS A 80 4.37 18.21 12.50
CA CYS A 80 3.88 18.35 11.15
C CYS A 80 2.38 18.05 11.06
N LEU A 81 1.86 17.23 11.96
CA LEU A 81 0.46 16.83 11.89
C LEU A 81 -0.46 17.78 12.64
N GLU A 82 0.05 18.47 13.64
CA GLU A 82 -0.80 19.27 14.52
C GLU A 82 -1.59 20.37 13.81
N PRO A 83 -1.10 21.03 12.76
CA PRO A 83 -1.95 21.99 12.06
C PRO A 83 -3.19 21.37 11.44
N LEU A 84 -3.26 20.05 11.30
CA LEU A 84 -4.43 19.43 10.69
C LEU A 84 -5.57 19.23 11.67
N ASP A 85 -5.33 19.44 12.97
CA ASP A 85 -6.33 19.27 14.02
C ASP A 85 -7.12 17.97 13.86
N ILE A 86 -6.39 16.86 13.85
CA ILE A 86 -7.06 15.56 13.80
C ILE A 86 -7.94 15.42 15.03
N SER A 87 -9.21 15.12 14.82
CA SER A 87 -10.11 14.82 15.93
C SER A 87 -9.88 13.40 16.42
N ILE A 88 -9.62 13.26 17.73
CA ILE A 88 -9.54 11.93 18.32
C ILE A 88 -10.91 11.33 18.61
N ASP A 89 -12.00 12.05 18.33
CA ASP A 89 -13.32 11.54 18.67
C ASP A 89 -13.69 10.38 17.76
N PRO A 90 -14.39 9.38 18.27
CA PRO A 90 -14.88 8.31 17.39
C PRO A 90 -15.89 8.87 16.39
N ILE A 91 -15.99 8.21 15.24
CA ILE A 91 -17.04 8.49 14.28
C ILE A 91 -18.19 7.53 14.51
N PRO A 92 -19.43 7.92 14.19
CA PRO A 92 -20.55 7.00 14.36
C PRO A 92 -20.35 5.71 13.58
N LEU A 93 -20.93 4.64 14.12
CA LEU A 93 -20.85 3.33 13.47
C LEU A 93 -21.35 3.40 12.03
N GLU A 94 -22.41 4.18 11.80
CA GLU A 94 -22.96 4.31 10.47
C GLU A 94 -21.93 4.88 9.50
N SER A 95 -21.18 5.88 9.94
CA SER A 95 -20.12 6.42 9.10
C SER A 95 -19.03 5.38 8.86
N ALA A 96 -18.67 4.64 9.91
CA ALA A 96 -17.64 3.61 9.77
C ALA A 96 -18.04 2.55 8.76
N MET A 97 -19.32 2.22 8.67
CA MET A 97 -19.75 1.16 7.77
C MET A 97 -20.05 1.66 6.37
N TYR A 98 -20.72 2.82 6.26
CA TYR A 98 -21.30 3.26 5.01
C TYR A 98 -20.66 4.51 4.45
N GLY A 99 -19.74 5.13 5.18
CA GLY A 99 -18.92 6.17 4.61
C GLY A 99 -19.21 7.54 5.20
N MET A 100 -18.25 8.43 4.99
CA MET A 100 -18.42 9.85 5.30
C MET A 100 -17.40 10.60 4.44
N ASP A 101 -17.36 11.92 4.58
CA ASP A 101 -16.37 12.67 3.82
C ASP A 101 -14.97 12.22 4.25
N GLY A 102 -14.15 11.85 3.26
CA GLY A 102 -12.80 11.40 3.52
C GLY A 102 -12.67 9.92 3.81
N LEU A 103 -13.77 9.17 3.82
CA LEU A 103 -13.73 7.76 4.20
C LEU A 103 -14.79 7.03 3.39
N GLU A 104 -14.34 6.22 2.43
CA GLU A 104 -15.27 5.47 1.60
C GLU A 104 -16.01 4.42 2.43
N ALA A 105 -17.18 4.02 1.94
CA ALA A 105 -17.92 2.93 2.57
C ALA A 105 -17.06 1.69 2.61
N LEU A 106 -17.31 0.84 3.62
CA LEU A 106 -16.47 -0.33 3.86
C LEU A 106 -16.54 -1.26 2.65
N ASP A 107 -15.36 -1.70 2.20
CA ASP A 107 -15.23 -2.60 1.06
C ASP A 107 -16.05 -3.87 1.26
N LEU A 108 -17.08 -4.07 0.44
CA LEU A 108 -17.94 -5.24 0.57
C LEU A 108 -17.39 -6.48 -0.11
N THR A 109 -16.32 -6.37 -0.90
CA THR A 109 -15.84 -7.53 -1.64
C THR A 109 -14.71 -8.27 -0.94
N THR A 110 -14.06 -7.67 0.05
CA THR A 110 -13.04 -8.38 0.81
C THR A 110 -13.69 -9.27 1.87
N SER A 111 -12.96 -10.29 2.29
CA SER A 111 -13.47 -11.28 3.24
C SER A 111 -13.93 -10.62 4.52
N ALA A 112 -14.98 -11.18 5.12
CA ALA A 112 -15.34 -10.78 6.47
C ALA A 112 -14.44 -11.40 7.53
N GLY A 113 -13.54 -12.31 7.15
CA GLY A 113 -12.58 -12.87 8.08
C GLY A 113 -13.15 -13.65 9.25
N TYR A 116 -16.76 -15.64 10.75
CA TYR A 116 -17.77 -15.36 9.73
C TYR A 116 -17.57 -16.19 8.48
N LEU A 117 -16.33 -16.23 7.97
CA LEU A 117 -16.09 -17.00 6.76
C LEU A 117 -16.22 -18.49 6.99
N LEU A 118 -16.12 -18.95 8.24
CA LEU A 118 -16.33 -20.36 8.53
C LEU A 118 -17.78 -20.67 8.85
N GLN A 119 -18.64 -19.66 8.82
CA GLN A 119 -20.02 -19.82 9.24
C GLN A 119 -21.03 -19.39 8.17
N GLY A 120 -20.56 -19.09 6.97
CA GLY A 120 -21.46 -18.69 5.90
C GLY A 120 -22.16 -17.37 6.10
N LYS A 121 -21.71 -16.54 7.04
CA LYS A 121 -22.20 -15.17 7.16
C LYS A 121 -21.34 -14.26 6.29
N LYS A 122 -21.98 -13.55 5.36
CA LYS A 122 -21.30 -12.66 4.42
C LYS A 122 -21.52 -11.20 4.81
N LYS A 123 -20.63 -10.33 4.34
CA LYS A 123 -20.82 -8.90 4.55
C LYS A 123 -22.16 -8.44 4.02
N ARG A 124 -22.55 -8.96 2.84
CA ARG A 124 -23.83 -8.63 2.24
C ARG A 124 -25.00 -8.84 3.19
N ASP A 125 -24.96 -9.90 4.01
CA ASP A 125 -26.04 -10.14 4.95
C ASP A 125 -26.09 -9.05 6.02
N ILE A 126 -24.93 -8.64 6.53
CA ILE A 126 -24.89 -7.68 7.62
C ILE A 126 -25.06 -6.26 7.12
N PHE A 127 -24.62 -5.97 5.90
CA PHE A 127 -24.61 -4.62 5.39
C PHE A 127 -25.81 -4.38 4.50
N ASN A 128 -26.42 -3.20 4.65
CA ASN A 128 -27.46 -2.74 3.73
C ASN A 128 -27.19 -1.26 3.52
N ARG A 129 -26.51 -0.94 2.42
CA ARG A 129 -26.16 0.44 2.15
C ARG A 129 -27.39 1.28 1.87
N GLN A 130 -28.48 0.64 1.42
CA GLN A 130 -29.67 1.42 1.09
C GLN A 130 -30.34 1.99 2.34
N THR A 131 -30.47 1.18 3.38
CA THR A 131 -31.00 1.67 4.65
C THR A 131 -29.93 2.22 5.58
N ARG A 132 -28.66 1.90 5.34
CA ARG A 132 -27.55 2.28 6.23
C ARG A 132 -27.76 1.74 7.64
N ASP A 133 -28.20 0.49 7.73
CA ASP A 133 -28.55 -0.09 9.02
C ASP A 133 -27.31 -0.55 9.77
N THR A 134 -27.29 -0.28 11.08
CA THR A 134 -26.18 -0.66 11.94
C THR A 134 -26.57 -1.72 12.97
N THR A 135 -27.79 -2.25 12.94
CA THR A 135 -28.26 -3.11 14.03
C THR A 135 -27.60 -4.48 13.99
N GLU A 136 -27.45 -5.07 12.81
CA GLU A 136 -26.82 -6.38 12.70
C GLU A 136 -25.34 -6.31 13.03
N MET A 137 -24.66 -5.23 12.62
CA MET A 137 -23.26 -5.05 12.96
C MET A 137 -23.08 -4.84 14.46
N THR A 138 -23.95 -4.01 15.06
CA THR A 138 -23.92 -3.84 16.51
C THR A 138 -24.08 -5.16 17.23
N ARG A 139 -24.99 -6.00 16.76
CA ARG A 139 -25.20 -7.32 17.36
C ARG A 139 -23.98 -8.21 17.16
N MET A 140 -23.33 -8.10 16.00
CA MET A 140 -22.16 -8.93 15.73
C MET A 140 -20.96 -8.47 16.56
N LEU A 141 -20.83 -7.16 16.78
CA LEU A 141 -19.76 -6.68 17.66
C LEU A 141 -19.98 -7.15 19.09
N GLU A 142 -21.24 -7.14 19.53
CA GLU A 142 -21.57 -7.65 20.86
C GLU A 142 -21.26 -9.13 20.96
N LYS A 143 -21.56 -9.89 19.91
CA LYS A 143 -21.44 -11.33 19.98
C LYS A 143 -19.97 -11.76 20.03
N TYR A 144 -19.14 -11.22 19.14
CA TYR A 144 -17.78 -11.75 18.98
C TYR A 144 -16.68 -10.83 19.49
N GLY A 145 -16.95 -9.54 19.69
CA GLY A 145 -15.93 -8.68 20.23
C GLY A 145 -14.89 -8.33 19.18
N VAL A 146 -13.76 -7.83 19.67
CA VAL A 146 -12.66 -7.42 18.79
C VAL A 146 -11.42 -8.19 19.18
N ASP A 147 -10.28 -7.81 18.61
CA ASP A 147 -9.01 -8.53 18.80
C ASP A 147 -9.14 -9.97 18.33
N LEU A 148 -9.78 -10.15 17.20
CA LEU A 148 -9.98 -11.47 16.61
C LEU A 148 -8.79 -11.85 15.75
N PRO A 149 -8.62 -13.12 15.41
CA PRO A 149 -7.52 -13.51 14.53
C PRO A 149 -7.67 -12.93 13.14
N PHE A 150 -6.54 -12.90 12.41
CA PHE A 150 -6.48 -12.60 10.99
C PHE A 150 -6.50 -13.91 10.21
N VAL A 151 -7.18 -13.93 9.05
CA VAL A 151 -7.14 -15.08 8.17
C VAL A 151 -6.17 -14.82 7.02
N THR A 152 -5.29 -15.79 6.78
CA THR A 152 -4.25 -15.69 5.76
C THR A 152 -4.76 -16.27 4.44
N PHE A 153 -4.73 -15.47 3.39
CA PHE A 153 -4.96 -15.92 2.02
C PHE A 153 -3.72 -15.63 1.21
N VAL A 154 -3.43 -16.48 0.23
CA VAL A 154 -2.39 -16.14 -0.75
C VAL A 154 -3.00 -15.25 -1.82
N LYS A 155 -2.31 -14.16 -2.17
CA LYS A 155 -2.88 -13.17 -3.06
C LYS A 155 -2.85 -13.67 -4.51
N ASP A 156 -4.01 -13.68 -5.14
CA ASP A 156 -4.13 -14.09 -6.55
C ASP A 156 -3.79 -12.89 -7.44
N GLU A 157 -2.61 -12.90 -8.04
CA GLU A 157 -2.12 -11.73 -8.77
C GLU A 157 -0.97 -12.16 -9.66
N LEU A 158 -0.58 -11.28 -10.58
CA LEU A 158 0.60 -11.54 -11.38
C LEU A 158 1.87 -11.32 -10.58
N ARG A 159 2.87 -12.15 -10.83
CA ARG A 159 4.18 -12.04 -10.23
C ARG A 159 5.21 -12.26 -11.32
N SER A 160 6.41 -11.73 -11.11
CA SER A 160 7.47 -12.02 -12.04
C SER A 160 7.71 -13.53 -12.11
N ARG A 161 8.35 -13.97 -13.21
CA ARG A 161 8.65 -15.39 -13.35
C ARG A 161 9.59 -15.87 -12.26
N GLU A 162 10.57 -15.03 -11.90
CA GLU A 162 11.49 -15.40 -10.84
C GLU A 162 10.73 -15.64 -9.53
N LYS A 163 9.82 -14.72 -9.19
CA LYS A 163 9.04 -14.86 -7.96
C LYS A 163 8.07 -16.04 -8.02
N VAL A 164 7.61 -16.41 -9.22
CA VAL A 164 6.78 -17.60 -9.34
C VAL A 164 7.58 -18.85 -8.98
N GLU A 165 8.77 -19.00 -9.55
CA GLU A 165 9.50 -20.22 -9.27
C GLU A 165 10.19 -20.20 -7.91
N LYS A 166 10.44 -19.02 -7.35
CA LYS A 166 10.92 -18.91 -5.96
C LYS A 166 9.78 -18.98 -4.96
N GLY A 167 8.54 -19.13 -5.41
CA GLY A 167 7.41 -19.18 -4.52
C GLY A 167 7.17 -17.90 -3.75
N LYS A 168 7.70 -16.76 -4.20
CA LYS A 168 7.55 -15.50 -3.47
C LYS A 168 6.20 -14.84 -3.77
N SER A 169 5.14 -15.58 -3.41
CA SER A 169 3.78 -15.04 -3.49
C SER A 169 3.51 -14.15 -2.28
N ARG A 170 2.55 -13.25 -2.44
CA ARG A 170 2.16 -12.39 -1.34
C ARG A 170 0.96 -12.97 -0.61
N LEU A 171 0.84 -12.58 0.65
CA LEU A 171 -0.25 -13.02 1.51
C LEU A 171 -1.13 -11.85 1.86
N ILE A 172 -2.43 -12.13 1.95
CA ILE A 172 -3.39 -11.24 2.57
C ILE A 172 -3.57 -11.73 4.00
N GLU A 173 -3.41 -10.83 4.96
CA GLU A 173 -3.71 -11.12 6.36
C GLU A 173 -4.97 -10.31 6.67
N ALA A 174 -6.13 -10.94 6.45
CA ALA A 174 -7.40 -10.22 6.46
C ALA A 174 -7.94 -10.15 7.88
N SER A 175 -8.18 -8.94 8.35
CA SER A 175 -8.74 -8.81 9.69
C SER A 175 -10.22 -9.16 9.66
N SER A 176 -10.76 -9.47 10.85
CA SER A 176 -12.19 -9.69 10.97
C SER A 176 -12.95 -8.40 10.71
N LEU A 177 -14.15 -8.55 10.12
CA LEU A 177 -15.05 -7.40 9.94
C LEU A 177 -15.23 -6.62 11.25
N ASN A 178 -15.25 -7.32 12.38
CA ASN A 178 -15.36 -6.64 13.67
C ASN A 178 -14.21 -5.68 13.89
N ASP A 179 -12.99 -6.13 13.61
CA ASP A 179 -11.85 -5.29 13.92
C ASP A 179 -11.72 -4.14 12.91
N SER A 180 -12.01 -4.38 11.63
CA SER A 180 -12.04 -3.29 10.67
C SER A 180 -13.01 -2.21 11.13
N VAL A 181 -14.22 -2.63 11.48
CA VAL A 181 -15.26 -1.68 11.85
C VAL A 181 -14.84 -0.92 13.10
N ALA A 182 -14.34 -1.64 14.11
CA ALA A 182 -13.91 -0.99 15.35
C ALA A 182 -12.79 -0.01 15.10
N MET A 183 -11.82 -0.38 14.26
CA MET A 183 -10.72 0.54 13.97
C MET A 183 -11.19 1.77 13.21
N ARG A 184 -12.12 1.57 12.27
CA ARG A 184 -12.67 2.71 11.55
C ARG A 184 -13.45 3.63 12.48
N VAL A 185 -14.13 3.09 13.48
CA VAL A 185 -14.80 3.93 14.47
C VAL A 185 -13.78 4.78 15.22
N ALA A 186 -12.70 4.15 15.68
CA ALA A 186 -11.73 4.83 16.53
C ALA A 186 -10.89 5.84 15.76
N PHE A 187 -10.51 5.52 14.52
CA PHE A 187 -9.54 6.30 13.77
C PHE A 187 -10.14 6.94 12.53
N GLY A 188 -11.46 6.92 12.39
CA GLY A 188 -12.08 7.38 11.15
C GLY A 188 -11.72 8.82 10.81
N ASN A 189 -11.74 9.71 11.80
CA ASN A 189 -11.38 11.09 11.52
C ASN A 189 -9.92 11.19 11.10
N LEU A 190 -9.06 10.39 11.73
CA LEU A 190 -7.67 10.39 11.30
C LEU A 190 -7.54 9.95 9.85
N TYR A 191 -8.23 8.86 9.49
CA TYR A 191 -8.18 8.37 8.12
C TYR A 191 -8.66 9.44 7.14
N ALA A 192 -9.78 10.09 7.48
CA ALA A 192 -10.34 11.12 6.61
C ALA A 192 -9.37 12.29 6.46
N THR A 193 -8.79 12.74 7.58
CA THR A 193 -7.79 13.80 7.51
C THR A 193 -6.66 13.42 6.54
N PHE A 194 -6.17 12.18 6.62
CA PHE A 194 -5.09 11.77 5.74
C PHE A 194 -5.55 11.73 4.28
N HIS A 195 -6.72 11.13 4.04
CA HIS A 195 -7.23 11.04 2.67
C HIS A 195 -7.47 12.42 2.07
N ASN A 196 -7.95 13.35 2.89
CA ASN A 196 -8.24 14.70 2.42
C ASN A 196 -7.01 15.60 2.35
N ASN A 197 -5.85 15.16 2.85
CA ASN A 197 -4.65 16.01 2.87
C ASN A 197 -3.41 15.21 2.49
N PRO A 198 -3.37 14.60 1.30
CA PRO A 198 -2.10 14.07 0.82
C PRO A 198 -1.14 15.23 0.65
N GLY A 199 0.12 15.02 1.02
CA GLY A 199 1.08 16.11 1.02
C GLY A 199 2.15 15.89 2.08
N THR A 200 2.83 16.97 2.46
CA THR A 200 4.01 16.88 3.32
C THR A 200 3.71 17.18 4.78
N ALA A 201 2.46 17.45 5.13
CA ALA A 201 2.08 17.51 6.53
C ALA A 201 1.80 16.11 7.04
N THR A 202 0.79 15.45 6.45
CA THR A 202 0.61 14.01 6.66
C THR A 202 1.85 13.23 6.24
N GLY A 203 2.60 13.71 5.24
CA GLY A 203 3.65 12.89 4.67
C GLY A 203 3.11 11.69 3.92
N SER A 204 1.91 11.79 3.39
CA SER A 204 1.15 10.65 2.91
C SER A 204 0.60 10.92 1.51
N ALA A 205 0.56 9.88 0.68
CA ALA A 205 -0.12 9.93 -0.61
C ALA A 205 -1.32 9.00 -0.68
N VAL A 206 -1.66 8.30 0.41
CA VAL A 206 -2.77 7.36 0.41
C VAL A 206 -4.05 8.06 -0.01
N GLY A 207 -4.77 7.45 -0.94
CA GLY A 207 -6.00 8.04 -1.45
C GLY A 207 -5.81 9.14 -2.48
N CYS A 208 -4.57 9.41 -2.91
CA CYS A 208 -4.35 10.52 -3.85
C CYS A 208 -4.79 10.13 -5.26
N ASP A 209 -4.98 11.14 -6.09
CA ASP A 209 -5.30 10.96 -7.50
C ASP A 209 -4.07 11.35 -8.32
N PRO A 210 -3.25 10.41 -8.77
CA PRO A 210 -1.98 10.79 -9.39
C PRO A 210 -2.11 11.79 -10.54
N ASP A 211 -3.23 11.77 -11.28
CA ASP A 211 -3.40 12.70 -12.40
C ASP A 211 -3.26 14.14 -11.94
N VAL A 212 -3.78 14.46 -10.76
CA VAL A 212 -3.78 15.85 -10.30
C VAL A 212 -2.72 16.06 -9.23
N PHE A 213 -2.44 15.02 -8.44
CA PHE A 213 -1.50 15.16 -7.33
C PHE A 213 -0.06 15.22 -7.81
N TRP A 214 0.26 14.61 -8.94
CA TRP A 214 1.63 14.64 -9.46
C TRP A 214 2.18 16.05 -9.63
N SER A 215 1.34 17.01 -10.07
CA SER A 215 1.86 18.36 -10.29
C SER A 215 2.22 19.04 -8.97
N LYS A 216 1.57 18.62 -7.87
CA LYS A 216 1.88 19.21 -6.57
C LYS A 216 3.19 18.67 -6.00
N ILE A 217 3.56 17.43 -6.34
CA ILE A 217 4.68 16.79 -5.66
C ILE A 217 5.99 17.56 -5.81
N PRO A 218 6.45 17.94 -7.02
CA PRO A 218 7.70 18.70 -7.11
C PRO A 218 7.66 20.02 -6.38
N ILE A 219 6.48 20.63 -6.24
CA ILE A 219 6.36 21.89 -5.51
C ILE A 219 6.56 21.66 -4.01
N LEU A 220 5.99 20.57 -3.48
CA LEU A 220 6.13 20.27 -2.06
C LEU A 220 7.53 19.78 -1.74
N LEU A 221 8.16 19.08 -2.68
CA LEU A 221 9.48 18.48 -2.48
C LEU A 221 10.43 19.23 -3.40
N ASN A 222 10.79 20.45 -2.99
CA ASN A 222 11.46 21.39 -3.87
C ASN A 222 12.97 21.43 -3.68
N GLY A 223 13.53 20.58 -2.83
CA GLY A 223 14.95 20.56 -2.56
C GLY A 223 15.70 19.55 -3.39
N GLU A 224 16.77 18.99 -2.81
CA GLU A 224 17.49 17.89 -3.41
C GLU A 224 16.84 16.59 -2.96
N ILE A 225 16.21 15.90 -3.90
CA ILE A 225 15.28 14.83 -3.57
C ILE A 225 16.04 13.52 -3.38
N PHE A 226 15.44 12.61 -2.61
CA PHE A 226 15.91 11.24 -2.56
C PHE A 226 14.69 10.33 -2.44
N ALA A 227 14.91 9.03 -2.62
CA ALA A 227 13.80 8.10 -2.65
C ALA A 227 14.25 6.73 -2.19
N PHE A 228 13.33 5.96 -1.64
CA PHE A 228 13.65 4.62 -1.17
C PHE A 228 12.62 3.63 -1.67
N ASP A 229 13.09 2.41 -1.92
CA ASP A 229 12.23 1.25 -1.93
C ASP A 229 12.78 0.21 -0.94
N TYR A 230 11.87 -0.52 -0.33
CA TYR A 230 12.20 -1.51 0.68
C TYR A 230 11.99 -2.91 0.15
N THR A 231 12.71 -3.85 0.74
CA THR A 231 12.42 -5.28 0.62
C THR A 231 11.63 -5.73 1.85
N GLY A 232 10.44 -6.26 1.62
CA GLY A 232 9.62 -6.80 2.70
C GLY A 232 9.36 -5.83 3.84
N TYR A 233 9.03 -4.58 3.51
CA TYR A 233 8.84 -3.54 4.52
C TYR A 233 7.90 -3.97 5.63
N ASP A 234 6.65 -4.32 5.28
CA ASP A 234 5.63 -4.64 6.29
C ASP A 234 6.13 -5.70 7.26
N ALA A 235 6.64 -6.80 6.73
CA ALA A 235 7.01 -7.91 7.59
C ALA A 235 8.28 -7.63 8.36
N SER A 236 9.12 -6.72 7.88
CA SER A 236 10.37 -6.38 8.54
C SER A 236 10.20 -5.45 9.74
N LEU A 237 9.04 -4.81 9.90
CA LEU A 237 8.87 -3.85 10.98
C LEU A 237 8.94 -4.52 12.35
N SER A 238 9.77 -4.00 13.19
CA SER A 238 9.98 -4.43 14.57
C SER A 238 9.01 -3.72 15.49
N PRO A 239 8.67 -4.34 16.64
CA PRO A 239 7.73 -3.69 17.58
C PRO A 239 8.13 -2.27 17.98
N VAL A 240 9.42 -1.96 18.01
CA VAL A 240 9.83 -0.62 18.39
C VAL A 240 9.20 0.42 17.47
N TRP A 241 8.99 0.08 16.19
CA TRP A 241 8.38 1.05 15.28
C TRP A 241 6.91 1.22 15.57
N PHE A 242 6.24 0.15 16.01
CA PHE A 242 4.86 0.29 16.46
C PHE A 242 4.77 1.12 17.73
N ALA A 243 5.79 1.06 18.59
CA ALA A 243 5.78 1.89 19.78
C ALA A 243 5.93 3.37 19.41
N CYS A 244 6.81 3.69 18.47
CA CYS A 244 6.89 5.07 17.96
C CYS A 244 5.54 5.53 17.43
N LEU A 245 4.86 4.68 16.65
CA LEU A 245 3.54 5.04 16.18
C LEU A 245 2.60 5.29 17.35
N LYS A 246 2.66 4.45 18.38
CA LYS A 246 1.81 4.70 19.55
C LYS A 246 2.13 6.05 20.17
N LYS A 247 3.41 6.41 20.25
CA LYS A 247 3.75 7.71 20.82
C LYS A 247 3.17 8.85 20.00
N VAL A 248 3.18 8.73 18.67
CA VAL A 248 2.56 9.76 17.84
C VAL A 248 1.08 9.90 18.18
N LEU A 249 0.37 8.77 18.26
CA LEU A 249 -1.05 8.82 18.56
C LEU A 249 -1.32 9.42 19.94
N ILE A 250 -0.53 9.01 20.94
CA ILE A 250 -0.67 9.59 22.27
C ILE A 250 -0.52 11.10 22.21
N LYS A 251 0.46 11.58 21.43
CA LYS A 251 0.69 13.01 21.35
C LYS A 251 -0.38 13.72 20.56
N LEU A 252 -1.11 13.00 19.70
CA LEU A 252 -2.30 13.56 19.08
C LEU A 252 -3.49 13.58 20.02
N GLY A 253 -3.37 12.95 21.19
CA GLY A 253 -4.46 12.94 22.15
C GLY A 253 -5.16 11.61 22.29
N TYR A 254 -4.79 10.59 21.51
CA TYR A 254 -5.35 9.26 21.72
C TYR A 254 -4.85 8.69 23.05
N THR A 255 -5.65 7.78 23.62
CA THR A 255 -5.23 7.09 24.84
C THR A 255 -5.42 5.58 24.71
N HIS A 256 -6.61 5.08 25.08
CA HIS A 256 -6.84 3.65 25.03
C HIS A 256 -6.84 3.11 23.60
N GLN A 257 -6.88 3.98 22.59
CA GLN A 257 -6.92 3.51 21.21
C GLN A 257 -5.59 2.93 20.75
N THR A 258 -4.52 3.08 21.53
CA THR A 258 -3.27 2.38 21.18
C THR A 258 -3.45 0.87 21.24
N SER A 259 -4.50 0.39 21.92
CA SER A 259 -4.84 -1.03 21.89
C SER A 259 -4.97 -1.53 20.47
N PHE A 260 -5.44 -0.68 19.56
CA PHE A 260 -5.56 -1.09 18.15
C PHE A 260 -4.19 -1.29 17.53
N ILE A 261 -3.16 -0.60 18.01
CA ILE A 261 -1.82 -0.82 17.48
C ILE A 261 -1.21 -2.10 18.06
N ASP A 262 -1.45 -2.38 19.34
CA ASP A 262 -1.06 -3.68 19.91
C ASP A 262 -1.66 -4.81 19.07
N TYR A 263 -2.91 -4.66 18.66
CA TYR A 263 -3.59 -5.63 17.81
C TYR A 263 -2.85 -5.85 16.49
N LEU A 264 -2.19 -4.82 15.96
CA LEU A 264 -1.39 -4.98 14.74
C LEU A 264 -0.01 -5.51 15.04
N CYS A 265 0.59 -5.06 16.16
CA CYS A 265 1.95 -5.46 16.51
C CYS A 265 2.04 -6.94 16.85
N HIS A 266 1.16 -7.40 17.73
CA HIS A 266 1.15 -8.78 18.22
C HIS A 266 -0.14 -9.42 17.70
N SER A 267 -0.02 -10.26 16.66
CA SER A 267 -1.18 -10.66 15.87
C SER A 267 -1.29 -12.17 15.76
N VAL A 268 -2.53 -12.64 15.68
CA VAL A 268 -2.85 -14.07 15.59
C VAL A 268 -3.40 -14.35 14.20
N HIS A 269 -2.84 -15.35 13.53
CA HIS A 269 -3.15 -15.64 12.13
C HIS A 269 -3.62 -17.08 11.94
N LEU A 270 -4.56 -17.26 11.02
CA LEU A 270 -5.13 -18.56 10.70
C LEU A 270 -4.81 -18.92 9.26
N TYR A 271 -4.22 -20.09 9.07
CA TYR A 271 -3.85 -20.57 7.74
C TYR A 271 -3.97 -22.08 7.74
N LYS A 272 -4.68 -22.63 6.75
CA LYS A 272 -4.99 -24.06 6.76
C LYS A 272 -5.53 -24.43 8.14
N ASP A 273 -4.91 -25.39 8.82
CA ASP A 273 -5.36 -25.77 10.15
C ASP A 273 -4.49 -25.19 11.27
N ARG A 274 -3.63 -24.22 10.93
CA ARG A 274 -2.67 -23.65 11.87
C ARG A 274 -3.12 -22.30 12.39
N LYS A 275 -2.72 -22.04 13.63
CA LYS A 275 -2.72 -20.70 14.23
C LYS A 275 -1.27 -20.35 14.50
N TYR A 276 -0.81 -19.23 13.95
CA TYR A 276 0.54 -18.78 14.19
C TYR A 276 0.49 -17.34 14.67
N ILE A 277 1.41 -16.99 15.57
CA ILE A 277 1.42 -15.69 16.23
C ILE A 277 2.67 -14.94 15.78
N VAL A 278 2.48 -13.68 15.37
CA VAL A 278 3.55 -12.86 14.80
C VAL A 278 3.75 -11.65 15.70
N ASN A 279 4.99 -11.45 16.16
CA ASN A 279 5.37 -10.25 16.88
C ASN A 279 6.14 -9.32 15.93
N GLY A 280 5.74 -8.06 15.89
CA GLY A 280 6.17 -7.16 14.83
C GLY A 280 5.51 -7.57 13.52
N GLY A 281 5.82 -6.80 12.47
CA GLY A 281 5.26 -7.04 11.14
C GLY A 281 3.85 -6.54 10.95
N MET A 282 3.66 -5.55 10.09
CA MET A 282 2.32 -5.01 9.86
C MET A 282 1.47 -6.00 9.06
N PRO A 283 0.30 -6.42 9.56
CA PRO A 283 -0.60 -7.26 8.74
C PRO A 283 -1.14 -6.48 7.54
N SER A 284 -1.33 -7.19 6.44
CA SER A 284 -1.64 -6.50 5.17
C SER A 284 -3.09 -6.09 5.05
N GLY A 285 -4.01 -6.81 5.68
CA GLY A 285 -5.42 -6.59 5.39
C GLY A 285 -6.22 -6.04 6.55
N SER A 286 -5.62 -5.15 7.31
CA SER A 286 -6.30 -4.44 8.38
C SER A 286 -6.77 -3.09 7.87
N SER A 287 -7.77 -2.53 8.55
CA SER A 287 -8.39 -1.29 8.07
C SER A 287 -7.36 -0.15 7.98
N GLY A 288 -6.45 -0.05 8.93
CA GLY A 288 -5.50 1.05 8.82
C GLY A 288 -4.15 0.70 8.25
N THR A 289 -4.01 -0.46 7.61
CA THR A 289 -2.71 -0.95 7.17
C THR A 289 -1.94 0.13 6.42
N SER A 290 -2.59 0.76 5.44
CA SER A 290 -1.89 1.71 4.58
C SER A 290 -1.52 2.98 5.34
N ILE A 291 -2.48 3.55 6.05
CA ILE A 291 -2.22 4.77 6.81
C ILE A 291 -1.11 4.55 7.83
N PHE A 292 -1.20 3.45 8.59
CA PHE A 292 -0.23 3.24 9.66
C PHE A 292 1.14 2.87 9.12
N ASN A 293 1.21 2.09 8.03
CA ASN A 293 2.49 1.89 7.35
C ASN A 293 3.10 3.23 6.92
N THR A 294 2.26 4.14 6.43
CA THR A 294 2.73 5.46 5.97
C THR A 294 3.20 6.29 7.16
N MET A 295 2.42 6.32 8.23
CA MET A 295 2.82 7.07 9.42
C MET A 295 4.14 6.56 9.97
N ILE A 296 4.32 5.24 9.96
CA ILE A 296 5.57 4.66 10.47
C ILE A 296 6.73 5.03 9.56
N ASN A 297 6.52 5.04 8.24
CA ASN A 297 7.60 5.44 7.35
C ASN A 297 8.03 6.89 7.61
N ASN A 298 7.07 7.76 7.95
CA ASN A 298 7.40 9.14 8.30
C ASN A 298 8.31 9.20 9.52
N ILE A 299 8.11 8.30 10.49
CA ILE A 299 8.98 8.21 11.65
C ILE A 299 10.34 7.63 11.25
N ILE A 300 10.33 6.62 10.40
CA ILE A 300 11.57 5.94 10.05
C ILE A 300 12.54 6.89 9.36
N ILE A 301 12.07 7.59 8.32
CA ILE A 301 12.98 8.38 7.51
C ILE A 301 13.57 9.51 8.34
N ARG A 302 12.76 10.17 9.16
CA ARG A 302 13.30 11.16 10.08
C ARG A 302 14.34 10.54 11.00
N THR A 303 14.01 9.39 11.60
CA THR A 303 14.92 8.73 12.52
C THR A 303 16.26 8.48 11.86
N LEU A 304 16.24 7.97 10.63
CA LEU A 304 17.51 7.65 9.96
C LEU A 304 18.30 8.93 9.64
N LEU A 305 17.60 10.00 9.24
CA LEU A 305 18.26 11.27 8.95
C LEU A 305 18.97 11.82 10.18
N ILE A 306 18.26 11.88 11.31
CA ILE A 306 18.80 12.41 12.56
C ILE A 306 19.99 11.57 13.03
N ARG A 307 19.91 10.25 12.86
CA ARG A 307 20.98 9.41 13.38
C ARG A 307 22.26 9.59 12.57
N VAL A 308 22.13 9.69 11.25
CA VAL A 308 23.29 9.72 10.37
C VAL A 308 23.95 11.09 10.40
N TYR A 309 23.17 12.15 10.45
CA TYR A 309 23.68 13.52 10.36
C TYR A 309 23.34 14.26 11.64
N LYS A 310 24.36 14.74 12.34
CA LYS A 310 24.16 15.79 13.31
C LYS A 310 23.88 17.09 12.58
N GLY A 311 23.17 18.00 13.23
CA GLY A 311 22.92 19.28 12.59
C GLY A 311 21.87 19.27 11.51
N ILE A 312 21.00 18.24 11.48
CA ILE A 312 19.86 18.25 10.58
C ILE A 312 18.80 19.15 11.17
N ASP A 313 18.22 20.01 10.33
CA ASP A 313 17.06 20.81 10.68
C ASP A 313 15.88 20.16 9.97
N LEU A 314 15.08 19.42 10.73
CA LEU A 314 13.99 18.68 10.12
C LEU A 314 12.90 19.57 9.54
N ASP A 315 12.87 20.86 9.87
CA ASP A 315 11.80 21.69 9.33
C ASP A 315 12.00 21.98 7.85
N GLN A 316 13.18 21.68 7.33
CA GLN A 316 13.49 21.79 5.91
C GLN A 316 13.38 20.44 5.19
N PHE A 317 13.34 19.35 5.94
CA PHE A 317 13.03 18.04 5.42
C PHE A 317 11.55 17.96 5.03
N LYS A 318 11.27 17.32 3.89
CA LYS A 318 9.90 17.07 3.46
C LYS A 318 9.84 15.69 2.85
N MET A 319 8.73 14.98 3.05
CA MET A 319 8.59 13.65 2.46
C MET A 319 7.13 13.33 2.19
N ILE A 320 6.93 12.42 1.24
CA ILE A 320 5.63 11.86 0.91
C ILE A 320 5.80 10.36 0.76
N ALA A 321 4.93 9.60 1.42
CA ALA A 321 5.07 8.16 1.35
C ALA A 321 3.70 7.53 1.11
N TYR A 322 3.73 6.31 0.61
CA TYR A 322 2.53 5.48 0.49
C TYR A 322 2.99 4.10 0.95
N GLY A 323 2.70 3.76 2.20
CA GLY A 323 3.26 2.52 2.72
C GLY A 323 4.77 2.59 2.72
N ASP A 324 5.41 1.59 2.09
CA ASP A 324 6.86 1.56 2.03
C ASP A 324 7.46 2.57 1.06
N ASP A 325 6.68 3.05 0.10
CA ASP A 325 7.21 3.83 -1.03
C ASP A 325 7.39 5.28 -0.60
N VAL A 326 8.59 5.81 -0.76
CA VAL A 326 9.00 7.09 -0.20
C VAL A 326 9.61 7.95 -1.29
N ILE A 327 9.22 9.21 -1.34
CA ILE A 327 9.96 10.23 -2.03
C ILE A 327 10.11 11.37 -1.03
N ALA A 328 11.29 12.00 -1.02
CA ALA A 328 11.64 12.94 0.06
C ALA A 328 12.56 14.02 -0.47
N SER A 329 12.73 15.08 0.33
CA SER A 329 13.49 16.26 -0.05
C SER A 329 14.25 16.84 1.15
N TYR A 330 15.47 17.30 0.89
CA TYR A 330 16.22 18.12 1.84
C TYR A 330 16.99 19.16 1.05
N PRO A 331 17.18 20.37 1.61
CA PRO A 331 17.80 21.43 0.80
C PRO A 331 19.20 21.09 0.30
N HIS A 332 20.01 20.40 1.08
CA HIS A 332 21.36 20.00 0.67
C HIS A 332 21.37 18.52 0.31
N LYS A 333 22.34 18.14 -0.52
CA LYS A 333 22.48 16.75 -0.94
C LYS A 333 22.90 15.89 0.25
N ILE A 334 22.32 14.70 0.35
CA ILE A 334 22.72 13.77 1.40
C ILE A 334 23.17 12.47 0.76
N ASP A 335 23.65 11.54 1.57
CA ASP A 335 23.98 10.22 1.07
C ASP A 335 22.90 9.24 1.51
N PRO A 336 21.90 8.96 0.66
CA PRO A 336 20.83 8.04 1.07
C PRO A 336 21.33 6.65 1.33
N GLY A 337 22.49 6.29 0.78
CA GLY A 337 23.09 5.01 1.10
C GLY A 337 23.49 4.91 2.56
N LEU A 338 23.92 6.04 3.15
CA LEU A 338 24.18 6.02 4.59
C LEU A 338 22.90 5.81 5.38
N LEU A 339 21.79 6.44 4.96
CA LEU A 339 20.52 6.21 5.63
C LEU A 339 20.10 4.75 5.51
N ALA A 340 20.29 4.15 4.33
CA ALA A 340 19.95 2.74 4.16
C ALA A 340 20.75 1.83 5.10
N GLU A 341 22.05 2.11 5.26
CA GLU A 341 22.84 1.34 6.22
C GLU A 341 22.31 1.54 7.63
N ALA A 342 21.99 2.78 7.99
CA ALA A 342 21.37 3.04 9.28
C ALA A 342 20.09 2.23 9.45
N GLY A 343 19.31 2.11 8.37
CA GLY A 343 18.09 1.30 8.42
C GLY A 343 18.37 -0.13 8.83
N LYS A 344 19.50 -0.68 8.35
CA LYS A 344 19.87 -2.03 8.72
C LYS A 344 19.99 -2.19 10.22
N HIS A 345 20.54 -1.18 10.91
CA HIS A 345 20.65 -1.26 12.36
C HIS A 345 19.28 -1.49 13.02
N TYR A 346 18.21 -0.98 12.41
CA TYR A 346 16.86 -1.14 12.93
C TYR A 346 16.10 -2.30 12.28
N GLY A 347 16.81 -3.20 11.60
CA GLY A 347 16.17 -4.34 10.98
C GLY A 347 15.37 -4.04 9.72
N LEU A 348 15.74 -3.00 8.98
CA LEU A 348 15.07 -2.66 7.73
C LEU A 348 16.01 -2.87 6.55
N ILE A 349 15.45 -3.29 5.41
CA ILE A 349 16.22 -3.47 4.17
C ILE A 349 15.64 -2.52 3.13
N MET A 350 16.39 -1.47 2.83
CA MET A 350 15.94 -0.40 1.94
C MET A 350 17.02 -0.12 0.90
N THR A 351 16.57 0.24 -0.31
CA THR A 351 17.46 0.58 -1.40
C THR A 351 17.19 2.00 -1.86
N PRO A 352 18.20 2.88 -1.88
CA PRO A 352 17.98 4.22 -2.42
C PRO A 352 17.82 4.16 -3.93
N ALA A 353 17.14 5.17 -4.47
CA ALA A 353 17.06 5.31 -5.92
C ALA A 353 18.45 5.57 -6.51
N ASP A 354 19.25 6.38 -5.82
CA ASP A 354 20.65 6.66 -6.17
C ASP A 354 21.53 5.49 -5.72
N LYS A 355 22.04 4.71 -6.68
CA LYS A 355 22.76 3.49 -6.35
C LYS A 355 24.25 3.71 -6.10
N GLY A 356 24.77 4.92 -6.30
CA GLY A 356 26.17 5.15 -5.98
C GLY A 356 26.74 6.33 -6.74
N THR A 357 28.00 6.63 -6.42
CA THR A 357 28.61 7.85 -6.94
C THR A 357 28.69 7.81 -8.46
N SER A 358 28.77 6.61 -9.05
CA SER A 358 28.84 6.54 -10.51
C SER A 358 27.49 6.78 -11.17
N PHE A 359 26.40 6.65 -10.42
CA PHE A 359 25.06 6.79 -10.99
C PHE A 359 24.61 8.24 -11.00
N VAL A 360 23.75 8.57 -11.98
CA VAL A 360 23.15 9.89 -12.02
C VAL A 360 22.35 10.15 -10.76
N ASP A 361 22.47 11.36 -10.24
CA ASP A 361 21.73 11.74 -9.04
C ASP A 361 20.24 11.63 -9.29
N THR A 362 19.51 11.19 -8.26
CA THR A 362 18.05 11.18 -8.31
C THR A 362 17.54 12.56 -8.69
N ASN A 363 16.68 12.62 -9.70
CA ASN A 363 16.08 13.86 -10.13
C ASN A 363 14.67 13.58 -10.61
N TRP A 364 13.98 14.64 -11.06
CA TRP A 364 12.60 14.46 -11.47
C TRP A 364 12.46 13.66 -12.76
N GLU A 365 13.55 13.39 -13.46
CA GLU A 365 13.51 12.63 -14.69
C GLU A 365 13.59 11.12 -14.45
N ASN A 366 14.29 10.70 -13.40
CA ASN A 366 14.54 9.29 -13.15
C ASN A 366 13.90 8.76 -11.88
N VAL A 367 13.23 9.60 -11.08
CA VAL A 367 12.66 9.15 -9.83
C VAL A 367 11.28 8.55 -10.08
N THR A 368 10.87 7.60 -9.24
CA THR A 368 9.54 7.00 -9.36
C THR A 368 8.82 7.05 -8.03
N PHE A 369 7.49 6.99 -8.11
CA PHE A 369 6.63 6.96 -6.94
C PHE A 369 5.34 6.25 -7.36
N LEU A 370 4.92 5.24 -6.60
CA LEU A 370 3.76 4.44 -6.98
C LEU A 370 3.94 3.88 -8.38
N LYS A 371 5.16 3.42 -8.67
CA LYS A 371 5.65 2.83 -9.91
C LYS A 371 5.73 3.83 -11.07
N ARG A 372 5.31 5.09 -10.88
CA ARG A 372 5.16 6.05 -11.97
C ARG A 372 6.35 7.01 -12.00
N TYR A 373 6.77 7.39 -13.21
CA TYR A 373 7.75 8.46 -13.38
C TYR A 373 7.04 9.80 -13.37
N PHE A 374 7.82 10.87 -13.49
CA PHE A 374 7.32 12.24 -13.56
C PHE A 374 7.81 12.85 -14.88
N ARG A 375 6.90 13.44 -15.65
CA ARG A 375 7.30 14.15 -16.86
C ARG A 375 6.52 15.44 -17.00
N ALA A 376 7.23 16.56 -17.07
CA ALA A 376 6.58 17.85 -17.30
C ALA A 376 5.86 17.83 -18.66
N ASP A 377 4.67 18.40 -18.67
CA ASP A 377 3.94 18.51 -19.94
C ASP A 377 4.65 19.48 -20.87
N ASP A 378 4.68 19.14 -22.16
CA ASP A 378 5.34 20.01 -23.14
C ASP A 378 4.73 21.40 -23.14
N GLN A 379 3.42 21.48 -23.37
CA GLN A 379 2.75 22.79 -23.42
C GLN A 379 2.82 23.50 -22.08
N TYR A 380 2.51 22.79 -20.99
CA TYR A 380 2.40 23.38 -19.66
C TYR A 380 3.39 22.68 -18.73
N PRO A 381 4.65 23.13 -18.70
CA PRO A 381 5.67 22.37 -17.97
C PRO A 381 5.51 22.45 -16.44
N PHE A 382 4.59 23.27 -15.93
CA PHE A 382 4.23 23.27 -14.53
C PHE A 382 3.22 22.16 -14.19
N LEU A 383 2.63 21.52 -15.20
CA LEU A 383 1.79 20.35 -15.00
C LEU A 383 2.59 19.09 -15.26
N ILE A 384 2.52 18.14 -14.32
CA ILE A 384 3.37 16.95 -14.32
C ILE A 384 2.50 15.74 -14.64
N HIS A 385 2.88 15.00 -15.68
CA HIS A 385 2.24 13.73 -16.00
C HIS A 385 2.73 12.64 -15.05
N PRO A 386 1.84 11.86 -14.44
CA PRO A 386 2.26 10.57 -13.88
C PRO A 386 2.45 9.57 -15.02
N VAL A 387 3.62 8.95 -15.08
CA VAL A 387 3.99 8.12 -16.22
C VAL A 387 4.16 6.68 -15.76
N MET A 388 3.09 5.90 -15.85
CA MET A 388 3.17 4.43 -15.69
C MET A 388 3.95 3.84 -16.86
N PRO A 389 5.06 3.15 -16.62
CA PRO A 389 5.81 2.55 -17.75
C PRO A 389 4.91 1.65 -18.59
N MET A 390 5.12 1.72 -19.91
CA MET A 390 4.35 0.85 -20.80
C MET A 390 4.62 -0.63 -20.53
N LYS A 391 5.81 -0.96 -20.05
CA LYS A 391 6.10 -2.34 -19.65
C LYS A 391 5.08 -2.84 -18.64
N GLU A 392 4.78 -2.03 -17.62
CA GLU A 392 3.79 -2.41 -16.62
C GLU A 392 2.41 -2.64 -17.26
N ILE A 393 2.00 -1.70 -18.12
CA ILE A 393 0.71 -1.81 -18.79
C ILE A 393 0.70 -3.03 -19.71
N HIS A 394 1.82 -3.29 -20.38
CA HIS A 394 1.95 -4.48 -21.22
C HIS A 394 1.74 -5.75 -20.41
N GLU A 395 2.41 -5.85 -19.25
CA GLU A 395 2.27 -7.04 -18.42
C GLU A 395 0.83 -7.24 -17.98
N SER A 396 0.15 -6.17 -17.60
CA SER A 396 -1.20 -6.32 -17.06
C SER A 396 -2.23 -6.65 -18.15
N ILE A 397 -2.07 -6.11 -19.37
CA ILE A 397 -3.07 -6.33 -20.41
C ILE A 397 -3.06 -7.76 -20.94
N ARG A 398 -1.98 -8.52 -20.73
CA ARG A 398 -1.86 -9.89 -21.22
C ARG A 398 -2.68 -10.90 -20.43
N TRP A 399 -3.32 -10.49 -19.35
CA TRP A 399 -4.04 -11.41 -18.50
C TRP A 399 -5.37 -10.79 -18.14
N THR A 400 -6.33 -11.65 -17.83
CA THR A 400 -7.65 -11.23 -17.43
C THR A 400 -8.18 -12.20 -16.39
N LYS A 401 -8.89 -11.68 -15.41
CA LYS A 401 -9.63 -12.53 -14.49
C LYS A 401 -11.02 -12.84 -15.01
N ASP A 402 -11.54 -12.03 -15.93
CA ASP A 402 -12.87 -12.18 -16.49
C ASP A 402 -12.93 -11.49 -17.85
N PRO A 403 -12.81 -12.22 -18.96
CA PRO A 403 -12.77 -11.55 -20.28
C PRO A 403 -14.00 -10.72 -20.60
N ARG A 404 -15.06 -10.79 -19.81
CA ARG A 404 -16.21 -9.92 -19.95
C ARG A 404 -15.96 -8.51 -19.43
N ASN A 405 -14.83 -8.29 -18.76
CA ASN A 405 -14.48 -6.95 -18.31
C ASN A 405 -13.37 -6.36 -19.17
N THR A 406 -13.17 -6.90 -20.38
CA THR A 406 -12.06 -6.43 -21.22
C THR A 406 -12.19 -4.94 -21.55
N GLN A 407 -13.40 -4.49 -21.90
CA GLN A 407 -13.56 -3.08 -22.27
C GLN A 407 -13.26 -2.17 -21.08
N ASP A 408 -13.67 -2.56 -19.88
CA ASP A 408 -13.38 -1.75 -18.69
C ASP A 408 -11.90 -1.79 -18.35
N HIS A 409 -11.29 -2.97 -18.37
CA HIS A 409 -9.86 -3.08 -18.08
C HIS A 409 -9.05 -2.26 -19.08
N VAL A 410 -9.32 -2.43 -20.38
CA VAL A 410 -8.55 -1.73 -21.40
C VAL A 410 -8.71 -0.22 -21.27
N ARG A 411 -9.94 0.26 -21.04
CA ARG A 411 -10.16 1.69 -20.89
C ARG A 411 -9.36 2.26 -19.74
N SER A 412 -9.36 1.57 -18.59
CA SER A 412 -8.61 2.11 -17.46
C SER A 412 -7.11 2.08 -17.74
N LEU A 413 -6.64 1.11 -18.53
CA LEU A 413 -5.24 1.12 -18.95
C LEU A 413 -4.93 2.29 -19.87
N CYS A 414 -5.88 2.67 -20.74
CA CYS A 414 -5.68 3.84 -21.59
C CYS A 414 -5.53 5.10 -20.75
N TYR A 415 -6.31 5.21 -19.67
CA TYR A 415 -6.19 6.39 -18.81
C TYR A 415 -4.83 6.48 -18.16
N LEU A 416 -4.11 5.35 -18.02
CA LEU A 416 -2.70 5.33 -17.61
C LEU A 416 -1.75 5.55 -18.78
N ALA A 417 -2.00 4.88 -19.91
CA ALA A 417 -0.99 4.79 -20.96
C ALA A 417 -0.73 6.13 -21.62
N TRP A 418 -1.77 6.96 -21.76
CA TRP A 418 -1.65 8.12 -22.64
C TRP A 418 -0.63 9.11 -22.14
N HIS A 419 -0.34 9.08 -20.83
CA HIS A 419 0.68 9.96 -20.25
C HIS A 419 2.08 9.65 -20.77
N ASN A 420 2.27 8.54 -21.49
CA ASN A 420 3.55 8.30 -22.13
C ASN A 420 3.72 9.10 -23.42
N GLY A 421 2.76 9.94 -23.78
CA GLY A 421 2.86 10.74 -24.98
C GLY A 421 2.01 10.18 -26.13
N GLU A 422 1.79 11.04 -27.13
CA GLU A 422 0.81 10.71 -28.16
C GLU A 422 1.29 9.56 -29.04
N GLU A 423 2.58 9.54 -29.38
CA GLU A 423 3.10 8.48 -30.23
C GLU A 423 3.03 7.11 -29.54
N ALA A 424 3.46 7.04 -28.28
CA ALA A 424 3.36 5.78 -27.54
C ALA A 424 1.91 5.33 -27.44
N TYR A 425 0.99 6.28 -27.31
CA TYR A 425 -0.41 5.93 -27.13
C TYR A 425 -1.04 5.43 -28.43
N ASN A 426 -0.75 6.07 -29.56
CA ASN A 426 -1.21 5.56 -30.85
C ASN A 426 -0.69 4.15 -31.08
N GLU A 427 0.59 3.92 -30.81
CA GLU A 427 1.18 2.59 -30.95
C GLU A 427 0.45 1.58 -30.07
N PHE A 428 0.12 1.98 -28.83
CA PHE A 428 -0.59 1.09 -27.92
C PHE A 428 -1.98 0.75 -28.45
N CYS A 429 -2.73 1.78 -28.90
CA CYS A 429 -4.05 1.55 -29.48
C CYS A 429 -3.97 0.68 -30.74
N ARG A 430 -2.97 0.92 -31.58
CA ARG A 430 -2.82 0.13 -32.80
C ARG A 430 -2.61 -1.34 -32.48
N LYS A 431 -1.78 -1.65 -31.48
CA LYS A 431 -1.56 -3.03 -31.08
C LYS A 431 -2.81 -3.63 -30.48
N ILE A 432 -3.54 -2.85 -29.68
CA ILE A 432 -4.84 -3.32 -29.19
C ILE A 432 -5.72 -3.73 -30.37
N ARG A 433 -5.74 -2.90 -31.42
CA ARG A 433 -6.59 -3.12 -32.59
C ARG A 433 -5.93 -4.03 -33.62
N SER A 434 -5.12 -4.98 -33.18
CA SER A 434 -4.50 -5.95 -34.07
C SER A 434 -5.13 -7.33 -33.94
N VAL A 435 -6.06 -7.50 -33.00
CA VAL A 435 -6.86 -8.73 -32.87
C VAL A 435 -8.33 -8.34 -32.87
N PRO A 436 -9.22 -9.28 -33.25
CA PRO A 436 -10.65 -8.98 -33.38
C PRO A 436 -11.27 -8.18 -32.25
N VAL A 437 -11.25 -8.73 -31.03
CA VAL A 437 -11.90 -8.06 -29.89
C VAL A 437 -11.36 -6.64 -29.76
N GLY A 438 -10.05 -6.46 -29.92
CA GLY A 438 -9.47 -5.15 -29.75
C GLY A 438 -9.97 -4.15 -30.77
N ARG A 439 -10.07 -4.59 -32.04
CA ARG A 439 -10.61 -3.76 -33.11
C ARG A 439 -12.04 -3.31 -32.84
N ALA A 440 -12.79 -4.03 -32.01
CA ALA A 440 -14.17 -3.64 -31.71
C ALA A 440 -14.30 -2.71 -30.52
N LEU A 441 -13.25 -2.56 -29.72
CA LEU A 441 -13.37 -1.84 -28.45
C LEU A 441 -13.51 -0.34 -28.68
N THR A 442 -14.17 0.32 -27.75
CA THR A 442 -14.14 1.76 -27.65
C THR A 442 -12.90 2.18 -26.86
N LEU A 443 -12.10 3.10 -27.43
CA LEU A 443 -10.88 3.60 -26.80
C LEU A 443 -10.91 5.12 -26.79
N PRO A 444 -10.56 5.76 -25.68
CA PRO A 444 -10.57 7.23 -25.65
C PRO A 444 -9.52 7.80 -26.58
N ALA A 445 -9.89 8.85 -27.28
CA ALA A 445 -8.93 9.55 -28.13
C ALA A 445 -7.92 10.28 -27.25
N TYR A 446 -6.69 10.39 -27.77
CA TYR A 446 -5.64 11.12 -27.06
C TYR A 446 -6.10 12.53 -26.70
N SER A 447 -6.60 13.29 -27.69
CA SER A 447 -7.01 14.66 -27.43
C SER A 447 -8.08 14.71 -26.34
N SER A 448 -8.99 13.73 -26.33
CA SER A 448 -10.02 13.70 -25.31
C SER A 448 -9.44 13.42 -23.91
N LEU A 449 -8.47 12.50 -23.81
CA LEU A 449 -7.81 12.25 -22.52
C LEU A 449 -7.12 13.50 -22.02
N ARG A 450 -6.36 14.18 -22.89
CA ARG A 450 -5.65 15.38 -22.49
C ARG A 450 -6.62 16.46 -22.02
N ARG A 451 -7.75 16.59 -22.71
CA ARG A 451 -8.72 17.61 -22.32
C ARG A 451 -9.35 17.27 -20.97
N LYS A 452 -9.74 16.02 -20.76
CA LYS A 452 -10.24 15.65 -19.44
C LYS A 452 -9.16 15.88 -18.39
N TRP A 453 -7.91 15.52 -18.71
CA TRP A 453 -6.82 15.70 -17.76
C TRP A 453 -6.68 17.18 -17.37
N LEU A 454 -6.53 18.05 -18.36
CA LEU A 454 -6.37 19.48 -18.10
C LEU A 454 -7.53 20.03 -17.29
N ASP A 455 -8.71 19.43 -17.41
CA ASP A 455 -9.91 19.96 -16.81
C ASP A 455 -10.21 19.34 -15.45
N SER A 456 -9.40 18.40 -14.98
CA SER A 456 -9.60 17.85 -13.65
C SER A 456 -8.88 18.65 -12.56
N PHE A 457 -8.23 19.75 -12.90
CA PHE A 457 -7.66 20.63 -11.89
C PHE A 457 -8.71 21.70 -11.51
#